data_7Y3M
#
_entry.id   7Y3M
#
_cell.length_a   74.587
_cell.length_b   65.706
_cell.length_c   102.980
_cell.angle_alpha   90.000
_cell.angle_beta   106.780
_cell.angle_gamma   90.000
#
_symmetry.space_group_name_H-M   'P 1 21 1'
#
loop_
_entity.id
_entity.type
_entity.pdbx_description
1 polymer 'DNA (16-mer)'
2 polymer 'DNA (16-mer)'
3 polymer 'Sal-like protein 4'
4 non-polymer 'ZINC ION'
#
loop_
_entity_poly.entity_id
_entity_poly.type
_entity_poly.pdbx_seq_one_letter_code
_entity_poly.pdbx_strand_id
1 'polydeoxyribonucleotide' (DG)(DG)(DA)(DA)(DA)(DT)(DA)(DT)(DT)(DA)(DT)(DA)(DT)(DT)(DC)(DC) G,D,K
2 'polydeoxyribonucleotide' (DG)(DG)(DA)(DA)(DT)(DA)(DT)(DA)(DA)(DT)(DA)(DT)(DT)(DT)(DC)(DC) H,E,L
3 'polypeptide(L)' GHMALYKHKCKYCSKVFGTDSSLQIHLRSHTGERPFVCSVCGHRFTTKGNLKVHFHRHPQVKANPQLFAEFQDKVAAGN B,C,A,F,J,I
#
# COMPACT_ATOMS: atom_id res chain seq x y z
N HIS E 8 7.52 -40.05 -25.20
CA HIS E 8 8.47 -39.08 -24.68
C HIS E 8 8.84 -39.37 -23.23
N LYS E 9 8.79 -40.64 -22.80
CA LYS E 9 8.91 -40.93 -21.39
C LYS E 9 10.37 -41.07 -20.97
N CYS E 10 10.66 -40.68 -19.74
CA CYS E 10 12.01 -40.86 -19.21
C CYS E 10 12.30 -42.34 -19.06
N LYS E 11 13.32 -42.82 -19.78
CA LYS E 11 13.78 -44.19 -19.64
C LYS E 11 14.24 -44.50 -18.22
N TYR E 12 14.43 -43.49 -17.37
CA TYR E 12 14.97 -43.68 -16.03
C TYR E 12 13.94 -43.52 -14.92
N CYS E 13 13.03 -42.54 -15.00
CA CYS E 13 12.19 -42.24 -13.83
C CYS E 13 10.69 -42.28 -14.13
N SER E 14 10.28 -42.84 -15.26
CA SER E 14 8.88 -43.06 -15.60
C SER E 14 8.06 -41.77 -15.65
N LYS E 15 8.73 -40.62 -15.71
CA LYS E 15 8.10 -39.34 -16.01
C LYS E 15 8.10 -39.11 -17.51
N VAL E 16 7.11 -38.36 -17.99
CA VAL E 16 6.96 -38.06 -19.42
C VAL E 16 6.39 -36.65 -19.59
N PHE E 17 6.87 -35.96 -20.62
CA PHE E 17 6.59 -34.56 -20.88
C PHE E 17 5.94 -34.43 -22.26
N GLY E 18 5.42 -33.24 -22.53
CA GLY E 18 4.77 -32.96 -23.81
C GLY E 18 5.70 -32.71 -24.97
N THR E 19 6.98 -32.46 -24.73
CA THR E 19 7.92 -32.19 -25.81
C THR E 19 9.20 -32.98 -25.60
N ASP E 20 9.89 -33.26 -26.71
CA ASP E 20 11.18 -33.94 -26.64
C ASP E 20 12.26 -33.02 -26.09
N SER E 21 12.19 -31.72 -26.42
CA SER E 21 13.16 -30.76 -25.89
C SER E 21 13.11 -30.73 -24.37
N SER E 22 11.89 -30.72 -23.81
CA SER E 22 11.75 -30.88 -22.38
C SER E 22 12.22 -32.24 -21.91
N LEU E 23 12.18 -33.26 -22.77
CA LEU E 23 12.48 -34.61 -22.31
C LEU E 23 13.94 -34.78 -21.93
N GLN E 24 14.86 -34.25 -22.74
CA GLN E 24 16.27 -34.54 -22.52
C GLN E 24 17.01 -33.40 -21.85
N ILE E 25 16.38 -32.25 -21.65
CA ILE E 25 16.78 -31.39 -20.54
C ILE E 25 16.60 -32.16 -19.23
N HIS E 26 15.54 -32.98 -19.16
CA HIS E 26 15.31 -33.79 -17.97
C HIS E 26 16.32 -34.91 -17.88
N LEU E 27 16.70 -35.52 -19.01
CA LEU E 27 17.65 -36.61 -18.98
C LEU E 27 19.00 -36.17 -18.40
N ARG E 28 19.41 -34.93 -18.70
CA ARG E 28 20.69 -34.44 -18.20
C ARG E 28 20.76 -34.47 -16.67
N SER E 29 19.61 -34.52 -16.00
CA SER E 29 19.56 -34.76 -14.56
C SER E 29 19.88 -36.20 -14.18
N HIS E 30 19.88 -37.12 -15.15
CA HIS E 30 20.26 -38.51 -14.92
C HIS E 30 21.69 -38.79 -15.34
N THR E 31 22.03 -38.49 -16.60
CA THR E 31 23.34 -38.77 -17.16
C THR E 31 24.41 -37.80 -16.68
N GLY E 32 24.03 -36.72 -16.00
CA GLY E 32 25.00 -35.74 -15.54
C GLY E 32 25.63 -34.90 -16.62
N GLU E 33 25.13 -34.97 -17.86
CA GLU E 33 25.60 -34.05 -18.88
C GLU E 33 25.24 -32.61 -18.51
N ARG E 34 26.20 -31.70 -18.69
CA ARG E 34 26.00 -30.29 -18.33
C ARG E 34 26.66 -29.41 -19.38
N PRO E 35 25.96 -29.17 -20.50
CA PRO E 35 26.65 -28.62 -21.69
C PRO E 35 26.92 -27.12 -21.65
N PHE E 36 26.31 -26.37 -20.72
CA PHE E 36 26.48 -24.92 -20.68
C PHE E 36 27.54 -24.56 -19.66
N VAL E 37 28.52 -23.76 -20.08
CA VAL E 37 29.71 -23.50 -19.27
C VAL E 37 29.95 -22.00 -19.14
N CYS E 38 30.35 -21.60 -17.94
CA CYS E 38 30.52 -20.19 -17.61
C CYS E 38 31.90 -19.73 -18.07
N SER E 39 31.95 -18.58 -18.75
CA SER E 39 33.19 -18.14 -19.37
C SER E 39 34.24 -17.75 -18.32
N VAL E 40 33.80 -17.11 -17.23
CA VAL E 40 34.73 -16.64 -16.21
C VAL E 40 35.04 -17.67 -15.14
N CYS E 41 34.32 -18.76 -15.07
CA CYS E 41 34.38 -19.57 -13.85
C CYS E 41 34.68 -21.04 -14.10
N GLY E 42 34.18 -21.60 -15.19
CA GLY E 42 34.35 -23.01 -15.47
C GLY E 42 33.28 -23.91 -14.88
N HIS E 43 32.36 -23.38 -14.10
CA HIS E 43 31.29 -24.21 -13.56
C HIS E 43 30.26 -24.48 -14.64
N ARG E 44 29.73 -25.68 -14.67
CA ARG E 44 28.91 -26.14 -15.77
C ARG E 44 27.50 -26.41 -15.28
N PHE E 45 26.53 -26.20 -16.19
CA PHE E 45 25.11 -26.22 -15.86
C PHE E 45 24.35 -27.04 -16.88
N THR E 46 23.11 -27.39 -16.55
CA THR E 46 22.30 -28.24 -17.42
C THR E 46 21.49 -27.44 -18.42
N THR E 47 21.23 -26.16 -18.18
CA THR E 47 20.44 -25.37 -19.10
C THR E 47 21.00 -23.96 -19.21
N LYS E 48 20.68 -23.31 -20.31
CA LYS E 48 21.22 -21.99 -20.60
C LYS E 48 20.65 -20.96 -19.63
N GLY E 49 19.42 -21.12 -19.22
CA GLY E 49 18.85 -20.16 -18.31
C GLY E 49 19.48 -20.24 -16.94
N ASN E 50 19.93 -21.41 -16.55
CA ASN E 50 20.53 -21.52 -15.26
C ASN E 50 21.81 -20.74 -15.28
N LEU E 51 22.70 -21.09 -16.20
CA LEU E 51 23.97 -20.38 -16.32
C LEU E 51 23.76 -18.88 -16.50
N LYS E 52 22.66 -18.48 -17.15
CA LYS E 52 22.37 -17.06 -17.29
C LYS E 52 22.13 -16.42 -15.93
N VAL E 53 21.39 -17.11 -15.05
CA VAL E 53 21.19 -16.64 -13.69
C VAL E 53 22.52 -16.60 -12.95
N HIS E 54 23.30 -17.67 -13.05
CA HIS E 54 24.55 -17.76 -12.32
C HIS E 54 25.59 -16.79 -12.85
N PHE E 55 25.49 -16.44 -14.14
CA PHE E 55 26.43 -15.49 -14.73
C PHE E 55 26.24 -14.09 -14.15
N HIS E 56 25.00 -13.67 -13.91
CA HIS E 56 24.74 -12.34 -13.37
C HIS E 56 25.18 -12.17 -11.95
N ARG E 57 25.88 -13.16 -11.38
CA ARG E 57 26.49 -13.02 -10.07
C ARG E 57 27.95 -12.63 -10.15
N HIS E 58 28.65 -12.99 -11.23
CA HIS E 58 29.98 -12.47 -11.48
C HIS E 58 29.88 -10.97 -11.76
N PRO E 59 30.67 -10.13 -11.09
CA PRO E 59 30.64 -8.69 -11.35
C PRO E 59 31.13 -8.39 -12.76
N GLN E 60 30.38 -7.54 -13.47
CA GLN E 60 30.61 -7.27 -14.88
C GLN E 60 31.80 -6.35 -15.09
N VAL E 61 32.16 -6.17 -16.37
CA VAL E 61 33.21 -5.24 -16.79
C VAL E 61 32.77 -4.54 -18.07
N LYS E 62 31.79 -5.13 -18.77
CA LYS E 62 31.30 -4.61 -20.04
C LYS E 62 32.44 -4.42 -21.04
N TYR F 6 -7.16 -4.12 -20.58
CA TYR F 6 -5.87 -4.58 -21.09
C TYR F 6 -4.74 -4.22 -20.14
N LYS F 7 -3.87 -3.30 -20.58
CA LYS F 7 -2.71 -2.86 -19.80
C LYS F 7 -3.04 -1.52 -19.15
N HIS F 8 -3.57 -1.59 -17.93
CA HIS F 8 -3.87 -0.42 -17.11
C HIS F 8 -2.84 -0.39 -15.98
N LYS F 9 -1.65 0.10 -16.30
CA LYS F 9 -0.58 0.17 -15.31
C LYS F 9 -0.79 1.38 -14.39
N CYS F 10 -0.18 1.29 -13.21
CA CYS F 10 -0.30 2.32 -12.19
C CYS F 10 1.00 3.10 -12.10
N LYS F 11 0.89 4.44 -12.19
CA LYS F 11 2.07 5.29 -12.31
C LYS F 11 3.09 5.02 -11.20
N TYR F 12 2.61 4.81 -9.97
CA TYR F 12 3.48 4.66 -8.80
C TYR F 12 3.77 3.22 -8.43
N CYS F 13 2.76 2.35 -8.40
CA CYS F 13 2.88 1.02 -7.83
C CYS F 13 3.31 -0.04 -8.83
N SER F 14 3.22 0.23 -10.12
CA SER F 14 3.51 -0.75 -11.17
C SER F 14 2.61 -1.99 -11.03
N LYS F 15 1.41 -1.80 -10.48
CA LYS F 15 0.37 -2.80 -10.50
C LYS F 15 -0.53 -2.60 -11.71
N VAL F 16 -1.08 -3.68 -12.23
CA VAL F 16 -1.92 -3.63 -13.42
C VAL F 16 -3.33 -4.08 -13.06
N PHE F 17 -4.33 -3.41 -13.63
CA PHE F 17 -5.73 -3.62 -13.31
C PHE F 17 -6.51 -3.97 -14.57
N GLY F 18 -7.59 -4.72 -14.37
CA GLY F 18 -8.42 -5.15 -15.48
C GLY F 18 -9.04 -4.02 -16.27
N THR F 19 -9.98 -3.30 -15.67
CA THR F 19 -10.64 -2.21 -16.34
C THR F 19 -9.97 -0.87 -15.98
N ASP F 20 -10.49 0.20 -16.56
CA ASP F 20 -9.95 1.53 -16.29
C ASP F 20 -10.45 2.06 -14.96
N SER F 21 -11.76 2.00 -14.73
CA SER F 21 -12.35 2.54 -13.51
C SER F 21 -11.77 1.88 -12.26
N SER F 22 -11.47 0.58 -12.35
CA SER F 22 -10.86 -0.12 -11.22
C SER F 22 -9.46 0.40 -10.94
N LEU F 23 -8.71 0.82 -11.96
CA LEU F 23 -7.43 1.44 -11.72
C LEU F 23 -7.59 2.84 -11.12
N GLN F 24 -8.67 3.54 -11.49
CA GLN F 24 -8.83 4.92 -11.04
C GLN F 24 -9.06 4.98 -9.54
N ILE F 25 -9.82 4.03 -8.99
CA ILE F 25 -9.99 3.97 -7.53
C ILE F 25 -8.66 3.62 -6.87
N HIS F 26 -7.81 2.85 -7.53
CA HIS F 26 -6.56 2.44 -6.91
C HIS F 26 -5.64 3.62 -6.67
N LEU F 27 -5.52 4.52 -7.64
CA LEU F 27 -4.62 5.65 -7.51
C LEU F 27 -4.96 6.52 -6.30
N ARG F 28 -6.20 6.46 -5.83
CA ARG F 28 -6.56 7.19 -4.61
C ARG F 28 -5.90 6.57 -3.38
N SER F 29 -5.58 5.27 -3.44
CA SER F 29 -4.75 4.68 -2.39
C SER F 29 -3.40 5.36 -2.30
N HIS F 30 -2.87 5.81 -3.45
CA HIS F 30 -1.64 6.58 -3.46
C HIS F 30 -1.89 8.05 -3.14
N THR F 31 -2.84 8.69 -3.82
CA THR F 31 -2.98 10.14 -3.76
C THR F 31 -3.60 10.62 -2.46
N GLY F 32 -4.26 9.73 -1.71
CA GLY F 32 -5.02 10.18 -0.57
C GLY F 32 -6.27 10.96 -0.91
N GLU F 33 -6.66 10.96 -2.19
CA GLU F 33 -7.88 11.64 -2.61
C GLU F 33 -9.09 10.90 -2.10
N ARG F 34 -9.93 11.57 -1.31
CA ARG F 34 -11.17 11.02 -0.77
C ARG F 34 -12.30 11.93 -1.20
N PRO F 35 -12.98 11.63 -2.32
CA PRO F 35 -13.91 12.60 -2.91
C PRO F 35 -15.36 12.51 -2.46
N PHE F 36 -15.76 11.47 -1.74
CA PHE F 36 -17.14 11.32 -1.29
C PHE F 36 -17.19 11.52 0.23
N VAL F 37 -18.08 12.41 0.68
CA VAL F 37 -18.12 12.82 2.09
C VAL F 37 -19.39 12.30 2.76
N CYS F 38 -19.34 12.22 4.09
CA CYS F 38 -20.49 11.81 4.88
C CYS F 38 -21.32 13.02 5.30
N SER F 39 -22.63 12.84 5.33
CA SER F 39 -23.52 13.97 5.61
C SER F 39 -23.39 14.43 7.05
N VAL F 40 -23.27 13.50 7.99
CA VAL F 40 -23.49 13.81 9.39
C VAL F 40 -22.18 14.03 10.15
N CYS F 41 -21.12 13.30 9.82
CA CYS F 41 -19.87 13.42 10.54
C CYS F 41 -18.80 14.20 9.79
N GLY F 42 -19.01 14.49 8.51
CA GLY F 42 -18.07 15.29 7.75
C GLY F 42 -16.78 14.62 7.37
N HIS F 43 -16.71 13.29 7.49
CA HIS F 43 -15.50 12.56 7.10
C HIS F 43 -15.50 12.32 5.59
N ARG F 44 -14.35 11.87 5.08
CA ARG F 44 -14.15 11.66 3.66
C ARG F 44 -13.70 10.23 3.38
N PHE F 45 -14.11 9.71 2.22
CA PHE F 45 -13.81 8.33 1.86
C PHE F 45 -13.43 8.24 0.40
N THR F 46 -12.62 7.22 0.07
CA THR F 46 -12.15 7.07 -1.31
C THR F 46 -13.22 6.45 -2.20
N THR F 47 -13.84 5.36 -1.75
CA THR F 47 -14.91 4.74 -2.52
C THR F 47 -16.27 5.22 -2.03
N LYS F 48 -17.28 5.02 -2.88
CA LYS F 48 -18.66 5.27 -2.47
C LYS F 48 -19.22 4.09 -1.67
N GLY F 49 -18.67 2.90 -1.83
CA GLY F 49 -19.12 1.78 -1.03
C GLY F 49 -18.74 1.95 0.44
N ASN F 50 -17.47 2.24 0.70
CA ASN F 50 -17.02 2.48 2.08
C ASN F 50 -17.82 3.59 2.74
N LEU F 51 -18.20 4.62 1.98
CA LEU F 51 -19.00 5.71 2.52
C LEU F 51 -20.38 5.24 2.97
N LYS F 52 -20.94 4.23 2.32
CA LYS F 52 -22.27 3.78 2.71
C LYS F 52 -22.25 2.69 3.77
N VAL F 53 -21.24 1.82 3.78
CA VAL F 53 -21.11 0.89 4.90
C VAL F 53 -20.86 1.67 6.19
N HIS F 54 -20.14 2.79 6.09
CA HIS F 54 -19.92 3.65 7.25
C HIS F 54 -21.18 4.43 7.60
N PHE F 55 -21.91 4.89 6.58
CA PHE F 55 -23.14 5.62 6.79
C PHE F 55 -24.09 4.88 7.72
N HIS F 56 -24.52 3.69 7.31
CA HIS F 56 -25.52 2.93 8.05
C HIS F 56 -24.98 2.29 9.32
N ARG F 57 -23.77 2.66 9.74
CA ARG F 57 -23.30 2.36 11.09
C ARG F 57 -23.59 3.51 12.06
N HIS F 58 -24.11 4.65 11.56
CA HIS F 58 -24.46 5.81 12.36
C HIS F 58 -25.76 5.55 13.12
N PRO F 59 -25.83 5.89 14.40
CA PRO F 59 -27.09 5.76 15.12
C PRO F 59 -28.20 6.64 14.57
N GLN F 60 -27.85 7.81 14.02
CA GLN F 60 -28.85 8.75 13.53
C GLN F 60 -29.62 8.16 12.35
N VAL F 61 -28.93 7.44 11.46
CA VAL F 61 -29.60 6.83 10.31
C VAL F 61 -30.20 5.48 10.69
N LYS F 62 -29.48 4.68 11.48
CA LYS F 62 -29.98 3.37 11.87
C LYS F 62 -31.32 3.48 12.58
N ALA F 63 -31.59 4.60 13.25
CA ALA F 63 -32.89 4.81 13.88
C ALA F 63 -33.98 4.97 12.83
N ASN F 64 -33.74 5.78 11.80
CA ASN F 64 -34.67 5.91 10.68
C ASN F 64 -33.93 6.37 9.43
N PRO F 65 -34.09 5.67 8.30
CA PRO F 65 -33.28 5.98 7.11
C PRO F 65 -33.79 7.18 6.31
N GLN F 66 -34.30 8.20 7.00
CA GLN F 66 -34.77 9.39 6.31
C GLN F 66 -33.61 10.15 5.65
N LEU F 67 -32.43 10.13 6.26
CA LEU F 67 -31.32 10.98 5.86
C LEU F 67 -30.74 10.62 4.49
N PHE F 68 -31.33 9.67 3.76
CA PHE F 68 -30.88 9.40 2.40
C PHE F 68 -31.26 10.54 1.46
N ALA F 69 -32.35 11.25 1.75
CA ALA F 69 -32.76 12.39 0.93
C ALA F 69 -31.98 13.64 1.25
N GLU F 70 -31.46 13.75 2.48
CA GLU F 70 -30.59 14.86 2.84
C GLU F 70 -29.13 14.62 2.50
N PHE F 71 -28.78 13.41 2.02
CA PHE F 71 -27.41 13.03 1.74
C PHE F 71 -27.04 13.17 0.27
N GLN F 72 -27.92 12.77 -0.65
CA GLN F 72 -27.64 12.95 -2.06
C GLN F 72 -27.62 14.42 -2.46
N ASP F 73 -28.19 15.30 -1.63
CA ASP F 73 -28.15 16.73 -1.89
C ASP F 73 -26.75 17.30 -1.82
N LYS F 74 -25.83 16.63 -1.10
CA LYS F 74 -24.43 17.03 -1.12
C LYS F 74 -23.75 16.63 -2.42
N VAL F 75 -24.24 15.58 -3.08
CA VAL F 75 -23.69 15.14 -4.36
C VAL F 75 -24.57 15.61 -5.51
N TYR G 6 19.81 -35.83 11.24
CA TYR G 6 19.91 -35.21 12.56
C TYR G 6 18.64 -35.42 13.37
N LYS G 7 18.45 -34.57 14.39
CA LYS G 7 17.28 -34.70 15.26
C LYS G 7 15.99 -34.23 14.60
N HIS G 8 16.10 -33.39 13.57
CA HIS G 8 14.93 -32.78 12.93
C HIS G 8 14.50 -33.61 11.73
N LYS G 9 13.37 -34.31 11.88
CA LYS G 9 12.83 -35.17 10.84
C LYS G 9 11.43 -34.71 10.44
N CYS G 10 11.18 -34.68 9.14
CA CYS G 10 9.87 -34.29 8.62
C CYS G 10 8.83 -35.34 8.99
N LYS G 11 7.68 -34.90 9.50
CA LYS G 11 6.66 -35.87 9.89
C LYS G 11 5.85 -36.40 8.71
N TYR G 12 6.10 -35.90 7.50
CA TYR G 12 5.41 -36.37 6.31
C TYR G 12 6.26 -37.30 5.46
N CYS G 13 7.51 -36.93 5.17
CA CYS G 13 8.36 -37.78 4.34
C CYS G 13 9.53 -38.40 5.10
N SER G 14 9.74 -38.03 6.36
CA SER G 14 10.78 -38.62 7.20
C SER G 14 12.19 -38.41 6.64
N LYS G 15 12.39 -37.37 5.84
CA LYS G 15 13.74 -36.97 5.48
C LYS G 15 14.29 -36.05 6.56
N VAL G 16 15.52 -36.30 7.00
CA VAL G 16 16.09 -35.56 8.12
C VAL G 16 16.79 -34.31 7.60
N PHE G 17 16.78 -33.26 8.41
CA PHE G 17 17.38 -31.99 8.04
C PHE G 17 18.39 -31.56 9.08
N GLY G 18 19.33 -30.72 8.63
CA GLY G 18 20.44 -30.35 9.51
C GLY G 18 20.00 -29.48 10.67
N THR G 19 19.10 -28.53 10.42
CA THR G 19 18.67 -27.57 11.42
C THR G 19 17.19 -27.33 11.33
N ASP G 20 16.56 -27.18 12.50
CA ASP G 20 15.11 -27.04 12.60
C ASP G 20 14.55 -25.97 11.66
N SER G 21 15.31 -24.90 11.40
CA SER G 21 14.76 -23.87 10.52
C SER G 21 14.71 -24.35 9.07
N SER G 22 15.61 -25.25 8.68
CA SER G 22 15.49 -25.79 7.34
C SER G 22 14.34 -26.79 7.27
N LEU G 23 14.02 -27.44 8.37
CA LEU G 23 12.88 -28.35 8.40
C LEU G 23 11.56 -27.59 8.28
N GLN G 24 11.43 -26.44 8.94
CA GLN G 24 10.16 -25.74 8.89
C GLN G 24 9.89 -25.18 7.51
N ILE G 25 10.94 -24.86 6.76
CA ILE G 25 10.74 -24.47 5.37
C ILE G 25 10.30 -25.68 4.56
N HIS G 26 10.92 -26.83 4.79
CA HIS G 26 10.56 -28.03 4.07
C HIS G 26 9.11 -28.41 4.32
N LEU G 27 8.66 -28.30 5.56
CA LEU G 27 7.27 -28.64 5.87
C LEU G 27 6.32 -27.79 5.05
N ARG G 28 6.72 -26.57 4.68
CA ARG G 28 5.81 -25.75 3.90
C ARG G 28 5.60 -26.34 2.50
N SER G 29 6.49 -27.22 2.04
CA SER G 29 6.26 -27.88 0.77
C SER G 29 5.24 -29.00 0.88
N HIS G 30 4.77 -29.31 2.09
CA HIS G 30 3.63 -30.21 2.31
C HIS G 30 2.36 -29.44 2.63
N THR G 31 2.42 -28.55 3.61
CA THR G 31 1.22 -27.85 4.03
C THR G 31 0.75 -26.82 3.02
N GLY G 32 1.55 -26.50 2.01
CA GLY G 32 1.18 -25.43 1.10
C GLY G 32 1.13 -24.05 1.75
N GLU G 33 1.52 -23.96 3.00
CA GLU G 33 1.63 -22.68 3.68
C GLU G 33 2.64 -21.78 2.96
N ARG G 34 2.16 -20.70 2.35
CA ARG G 34 3.03 -19.75 1.68
C ARG G 34 2.98 -18.42 2.42
N PRO G 35 3.86 -18.20 3.41
CA PRO G 35 3.78 -16.99 4.24
C PRO G 35 4.04 -15.72 3.46
N PHE G 36 5.15 -15.68 2.74
CA PHE G 36 5.64 -14.43 2.18
C PHE G 36 4.83 -14.05 0.95
N VAL G 37 4.26 -12.84 0.98
CA VAL G 37 3.35 -12.39 -0.07
C VAL G 37 3.97 -11.18 -0.75
N CYS G 38 3.55 -10.95 -1.99
CA CYS G 38 4.10 -9.88 -2.80
C CYS G 38 3.34 -8.59 -2.52
N SER G 39 4.06 -7.46 -2.52
CA SER G 39 3.41 -6.18 -2.29
C SER G 39 2.54 -5.76 -3.47
N VAL G 40 2.91 -6.12 -4.69
CA VAL G 40 2.25 -5.55 -5.86
C VAL G 40 1.19 -6.48 -6.42
N CYS G 41 1.41 -7.79 -6.34
CA CYS G 41 0.61 -8.71 -7.12
C CYS G 41 -0.07 -9.82 -6.33
N GLY G 42 0.20 -9.95 -5.03
CA GLY G 42 -0.53 -10.88 -4.20
C GLY G 42 -0.07 -12.32 -4.28
N HIS G 43 1.00 -12.60 -5.00
CA HIS G 43 1.49 -13.96 -5.12
C HIS G 43 2.25 -14.35 -3.87
N ARG G 44 1.89 -15.49 -3.30
CA ARG G 44 2.44 -15.91 -2.02
C ARG G 44 3.53 -16.93 -2.25
N PHE G 45 4.59 -16.86 -1.43
CA PHE G 45 5.79 -17.66 -1.63
C PHE G 45 6.20 -18.34 -0.32
N THR G 46 6.75 -19.53 -0.44
CA THR G 46 7.12 -20.30 0.73
C THR G 46 8.37 -19.79 1.42
N THR G 47 9.13 -18.91 0.78
CA THR G 47 10.33 -18.39 1.42
C THR G 47 10.49 -16.92 1.06
N LYS G 48 11.25 -16.21 1.90
CA LYS G 48 11.54 -14.83 1.62
C LYS G 48 12.42 -14.71 0.38
N GLY G 49 13.33 -15.67 0.19
CA GLY G 49 14.21 -15.63 -0.97
C GLY G 49 13.45 -15.73 -2.27
N ASN G 50 12.56 -16.71 -2.36
CA ASN G 50 11.79 -16.88 -3.56
C ASN G 50 10.94 -15.67 -3.83
N LEU G 51 10.55 -14.96 -2.81
CA LEU G 51 9.82 -13.71 -3.02
C LEU G 51 10.74 -12.59 -3.49
N LYS G 52 12.03 -12.67 -3.14
CA LYS G 52 12.97 -11.64 -3.57
C LYS G 52 13.26 -11.77 -5.05
N VAL G 53 13.57 -12.98 -5.52
CA VAL G 53 13.86 -13.15 -6.93
C VAL G 53 12.62 -12.81 -7.77
N HIS G 54 11.43 -12.97 -7.18
CA HIS G 54 10.22 -12.64 -7.91
C HIS G 54 9.91 -11.15 -7.85
N PHE G 55 10.12 -10.53 -6.69
CA PHE G 55 9.84 -9.10 -6.55
C PHE G 55 10.76 -8.26 -7.42
N HIS G 56 12.00 -8.72 -7.63
CA HIS G 56 13.00 -7.90 -8.31
C HIS G 56 12.84 -7.88 -9.82
N ARG G 57 11.69 -8.32 -10.33
CA ARG G 57 11.34 -8.10 -11.73
C ARG G 57 10.17 -7.15 -11.90
N HIS G 58 9.35 -6.99 -10.85
CA HIS G 58 8.33 -5.96 -10.86
C HIS G 58 8.99 -4.61 -11.12
N PRO G 59 8.61 -3.90 -12.18
CA PRO G 59 9.43 -2.80 -12.70
C PRO G 59 9.91 -1.78 -11.68
N GLN G 60 9.00 -1.12 -10.95
CA GLN G 60 9.43 -0.04 -10.07
C GLN G 60 8.36 0.25 -9.02
N VAL G 61 8.80 0.39 -7.77
CA VAL G 61 7.96 0.93 -6.69
C VAL G 61 8.79 1.91 -5.87
N LYS H 7 8.00 -7.99 22.95
CA LYS H 7 8.29 -7.09 21.84
C LYS H 7 7.21 -7.19 20.76
N HIS H 8 6.77 -8.42 20.49
CA HIS H 8 5.70 -8.73 19.54
C HIS H 8 6.08 -8.46 18.08
N LYS H 9 7.07 -9.20 17.57
CA LYS H 9 7.51 -9.07 16.19
C LYS H 9 6.99 -10.23 15.35
N CYS H 10 6.57 -9.93 14.11
CA CYS H 10 6.18 -10.99 13.19
C CYS H 10 7.43 -11.75 12.75
N LYS H 11 7.42 -13.07 12.95
CA LYS H 11 8.54 -13.89 12.54
C LYS H 11 8.68 -13.97 11.03
N TYR H 12 7.70 -13.48 10.28
CA TYR H 12 7.75 -13.44 8.82
C TYR H 12 7.99 -12.04 8.31
N CYS H 13 7.08 -11.11 8.60
CA CYS H 13 6.99 -9.84 7.90
C CYS H 13 7.79 -8.72 8.55
N SER H 14 8.38 -8.96 9.72
CA SER H 14 9.27 -8.00 10.40
C SER H 14 8.56 -6.67 10.68
N LYS H 15 7.36 -6.75 11.25
CA LYS H 15 6.62 -5.58 11.69
C LYS H 15 6.34 -5.74 13.18
N VAL H 16 6.60 -4.69 13.96
CA VAL H 16 6.36 -4.75 15.40
C VAL H 16 4.93 -4.35 15.68
N PHE H 17 4.17 -5.25 16.30
CA PHE H 17 2.81 -4.94 16.72
C PHE H 17 2.78 -4.54 18.19
N GLY H 18 1.66 -3.95 18.59
CA GLY H 18 1.51 -3.49 19.96
C GLY H 18 1.26 -4.62 20.94
N THR H 19 0.03 -5.12 20.96
CA THR H 19 -0.38 -6.20 21.83
C THR H 19 -0.19 -7.55 21.12
N ASP H 20 0.05 -8.60 21.93
CA ASP H 20 0.41 -9.90 21.38
C ASP H 20 -0.65 -10.43 20.43
N SER H 21 -1.89 -10.53 20.88
CA SER H 21 -2.91 -11.22 20.11
C SER H 21 -3.51 -10.37 19.01
N SER H 22 -3.00 -9.16 18.77
CA SER H 22 -3.22 -8.54 17.48
C SER H 22 -2.15 -8.95 16.48
N LEU H 23 -0.94 -9.26 16.97
CA LEU H 23 0.05 -9.92 16.14
C LEU H 23 -0.39 -11.32 15.75
N GLN H 24 -1.07 -12.03 16.67
CA GLN H 24 -1.54 -13.36 16.33
C GLN H 24 -2.54 -13.31 15.19
N ILE H 25 -3.46 -12.34 15.23
CA ILE H 25 -4.37 -12.15 14.10
C ILE H 25 -3.60 -11.94 12.80
N HIS H 26 -2.54 -11.12 12.85
CA HIS H 26 -1.77 -10.81 11.66
C HIS H 26 -1.06 -12.06 11.12
N LEU H 27 -0.44 -12.84 12.00
CA LEU H 27 0.17 -14.09 11.61
C LEU H 27 -0.80 -14.97 10.83
N ARG H 28 -2.10 -14.89 11.15
CA ARG H 28 -3.08 -15.69 10.41
C ARG H 28 -3.09 -15.32 8.94
N SER H 29 -2.94 -14.02 8.63
CA SER H 29 -2.86 -13.65 7.22
C SER H 29 -1.56 -14.10 6.56
N HIS H 30 -0.61 -14.63 7.31
CA HIS H 30 0.54 -15.33 6.73
C HIS H 30 0.24 -16.82 6.60
N THR H 31 0.03 -17.48 7.74
CA THR H 31 -0.07 -18.93 7.78
C THR H 31 -1.27 -19.46 6.98
N GLY H 32 -2.25 -18.61 6.70
CA GLY H 32 -3.46 -19.04 6.01
C GLY H 32 -4.57 -19.53 6.91
N GLU H 33 -4.25 -19.91 8.15
CA GLU H 33 -5.25 -20.44 9.07
C GLU H 33 -6.44 -19.51 9.22
N ARG H 34 -7.65 -20.05 9.02
CA ARG H 34 -8.90 -19.34 9.28
C ARG H 34 -9.77 -20.18 10.19
N PRO H 35 -9.71 -19.96 11.51
CA PRO H 35 -10.42 -20.86 12.44
C PRO H 35 -11.91 -20.64 12.55
N PHE H 36 -12.44 -19.51 12.08
CA PHE H 36 -13.85 -19.16 12.27
C PHE H 36 -14.64 -19.56 11.03
N VAL H 37 -15.56 -20.51 11.20
CA VAL H 37 -16.32 -21.12 10.12
C VAL H 37 -17.78 -20.73 10.27
N CYS H 38 -18.37 -20.21 9.17
CA CYS H 38 -19.77 -19.80 9.20
C CYS H 38 -20.68 -21.02 9.24
N SER H 39 -21.65 -20.99 10.16
CA SER H 39 -22.56 -22.11 10.35
C SER H 39 -23.40 -22.36 9.10
N VAL H 40 -23.74 -21.30 8.38
CA VAL H 40 -24.53 -21.43 7.16
C VAL H 40 -23.67 -21.65 5.93
N CYS H 41 -22.44 -21.17 5.91
CA CYS H 41 -21.66 -21.14 4.68
C CYS H 41 -20.71 -22.30 4.53
N GLY H 42 -19.98 -22.65 5.60
CA GLY H 42 -18.81 -23.48 5.49
C GLY H 42 -17.53 -22.72 5.23
N HIS H 43 -17.65 -21.44 4.88
CA HIS H 43 -16.49 -20.60 4.62
C HIS H 43 -15.74 -20.30 5.92
N ARG H 44 -14.44 -20.06 5.78
CA ARG H 44 -13.53 -19.80 6.89
C ARG H 44 -13.04 -18.37 6.84
N PHE H 45 -13.04 -17.70 8.00
CA PHE H 45 -12.56 -16.33 8.14
C PHE H 45 -11.44 -16.27 9.16
N THR H 46 -10.58 -15.26 8.99
CA THR H 46 -9.42 -15.16 9.87
C THR H 46 -9.82 -14.70 11.26
N THR H 47 -10.86 -13.88 11.34
CA THR H 47 -11.34 -13.31 12.60
C THR H 47 -12.84 -13.38 12.72
N LYS H 48 -13.33 -13.58 13.94
CA LYS H 48 -14.77 -13.63 14.18
C LYS H 48 -15.48 -12.39 13.68
N GLY H 49 -14.84 -11.23 13.79
CA GLY H 49 -15.46 -10.02 13.26
C GLY H 49 -15.71 -10.11 11.77
N ASN H 50 -14.76 -10.68 11.05
CA ASN H 50 -14.92 -10.82 9.63
C ASN H 50 -16.06 -11.76 9.39
N LEU H 51 -16.06 -12.89 10.08
CA LEU H 51 -17.17 -13.83 9.99
C LEU H 51 -18.50 -13.12 10.23
N LYS H 52 -18.53 -12.19 11.19
CA LYS H 52 -19.79 -11.61 11.60
C LYS H 52 -20.44 -10.80 10.48
N VAL H 53 -19.67 -9.93 9.83
CA VAL H 53 -20.24 -9.09 8.78
C VAL H 53 -20.65 -9.92 7.57
N HIS H 54 -20.08 -11.12 7.41
CA HIS H 54 -20.54 -12.03 6.36
C HIS H 54 -21.72 -12.87 6.84
N PHE H 55 -21.70 -13.27 8.11
CA PHE H 55 -22.78 -14.05 8.70
C PHE H 55 -24.09 -13.29 8.67
N HIS H 56 -24.04 -11.98 8.90
CA HIS H 56 -25.25 -11.18 8.95
C HIS H 56 -25.51 -10.47 7.63
N ARG H 57 -24.97 -11.01 6.55
CA ARG H 57 -25.46 -10.73 5.20
C ARG H 57 -26.13 -11.95 4.60
N HIS H 58 -26.05 -13.11 5.26
CA HIS H 58 -26.76 -14.30 4.80
C HIS H 58 -28.27 -14.06 4.91
N PRO H 59 -29.04 -14.33 3.85
CA PRO H 59 -30.48 -14.02 3.90
C PRO H 59 -31.25 -14.80 4.94
N GLN H 60 -30.79 -16.00 5.33
CA GLN H 60 -31.52 -16.82 6.28
C GLN H 60 -31.64 -16.14 7.63
N VAL H 61 -30.50 -15.80 8.24
CA VAL H 61 -30.51 -15.19 9.58
C VAL H 61 -30.87 -13.71 9.55
N LYS H 62 -30.85 -13.07 8.38
CA LYS H 62 -31.29 -11.68 8.30
C LYS H 62 -32.79 -11.57 8.56
N ALA H 63 -33.56 -12.55 8.10
CA ALA H 63 -35.01 -12.59 8.31
C ALA H 63 -35.41 -13.53 9.44
N ASN H 64 -34.46 -13.89 10.31
CA ASN H 64 -34.70 -14.85 11.37
C ASN H 64 -33.67 -14.69 12.49
N PRO H 65 -34.09 -14.28 13.69
CA PRO H 65 -33.14 -14.16 14.80
C PRO H 65 -33.01 -15.47 15.59
N GLN H 66 -33.14 -16.61 14.91
CA GLN H 66 -33.01 -17.91 15.56
C GLN H 66 -31.57 -18.39 15.57
N LEU H 67 -30.88 -18.32 14.43
CA LEU H 67 -29.45 -18.59 14.40
C LEU H 67 -28.65 -17.52 15.13
N PHE H 68 -29.29 -16.41 15.51
CA PHE H 68 -28.68 -15.41 16.38
C PHE H 68 -28.06 -16.07 17.61
N ALA H 69 -28.87 -16.82 18.37
CA ALA H 69 -28.44 -17.40 19.63
C ALA H 69 -27.90 -18.82 19.50
N GLU H 70 -28.00 -19.44 18.32
CA GLU H 70 -27.60 -20.83 18.18
C GLU H 70 -26.08 -20.97 18.01
N PHE H 71 -25.46 -20.09 17.23
CA PHE H 71 -24.03 -20.25 16.94
C PHE H 71 -23.17 -19.96 18.17
N GLN H 72 -23.62 -19.09 19.05
CA GLN H 72 -22.84 -18.72 20.23
C GLN H 72 -23.10 -19.67 21.40
N HIS I 8 -17.51 29.41 -12.82
CA HIS I 8 -16.12 29.13 -12.47
C HIS I 8 -15.89 29.33 -10.97
N LYS I 9 -16.89 29.00 -10.17
CA LYS I 9 -16.84 29.22 -8.73
C LYS I 9 -16.55 27.90 -8.00
N CYS I 10 -16.26 28.02 -6.71
CA CYS I 10 -16.09 26.85 -5.86
C CYS I 10 -17.43 26.45 -5.25
N LYS I 11 -17.45 25.28 -4.62
CA LYS I 11 -18.66 24.69 -4.08
C LYS I 11 -18.56 24.43 -2.58
N TYR I 12 -17.52 23.69 -2.15
CA TYR I 12 -17.33 23.45 -0.72
C TYR I 12 -17.05 24.74 0.03
N CYS I 13 -15.92 25.38 -0.26
CA CYS I 13 -15.42 26.44 0.60
C CYS I 13 -15.91 27.83 0.23
N SER I 14 -16.54 27.98 -0.95
CA SER I 14 -17.25 29.14 -1.50
C SER I 14 -16.35 30.13 -2.24
N LYS I 15 -15.03 29.96 -2.25
CA LYS I 15 -14.14 30.98 -2.82
C LYS I 15 -14.19 30.98 -4.34
N VAL I 16 -14.46 32.14 -4.93
CA VAL I 16 -14.47 32.30 -6.38
C VAL I 16 -13.04 32.29 -6.90
N PHE I 17 -12.84 31.68 -8.07
CA PHE I 17 -11.53 31.63 -8.72
C PHE I 17 -11.65 32.09 -10.16
N GLY I 18 -10.67 32.86 -10.62
CA GLY I 18 -10.63 33.36 -11.97
C GLY I 18 -10.58 32.27 -13.01
N THR I 19 -9.40 31.71 -13.24
CA THR I 19 -9.28 30.59 -14.16
C THR I 19 -9.85 29.32 -13.53
N ASP I 20 -9.97 28.28 -14.34
CA ASP I 20 -10.61 27.04 -13.91
C ASP I 20 -9.63 25.98 -13.45
N SER I 21 -8.40 25.98 -13.96
CA SER I 21 -7.39 25.07 -13.43
C SER I 21 -6.87 25.54 -12.07
N SER I 22 -6.99 26.83 -11.75
CA SER I 22 -6.63 27.28 -10.42
C SER I 22 -7.55 26.68 -9.37
N LEU I 23 -8.81 26.45 -9.72
CA LEU I 23 -9.74 25.82 -8.79
C LEU I 23 -9.61 24.30 -8.80
N GLN I 24 -9.25 23.72 -9.94
CA GLN I 24 -8.89 22.31 -9.97
C GLN I 24 -7.74 22.02 -9.01
N ILE I 25 -6.76 22.91 -8.96
CA ILE I 25 -5.70 22.81 -7.95
C ILE I 25 -6.25 23.05 -6.56
N HIS I 26 -7.21 23.99 -6.45
CA HIS I 26 -7.75 24.34 -5.13
C HIS I 26 -8.54 23.18 -4.53
N LEU I 27 -9.28 22.44 -5.35
CA LEU I 27 -10.09 21.34 -4.83
C LEU I 27 -9.23 20.21 -4.25
N ARG I 28 -7.95 20.14 -4.63
CA ARG I 28 -7.07 19.11 -4.09
C ARG I 28 -6.94 19.20 -2.58
N SER I 29 -7.29 20.34 -1.97
CA SER I 29 -7.10 20.57 -0.54
C SER I 29 -8.21 19.98 0.31
N HIS I 30 -9.48 20.13 -0.10
CA HIS I 30 -10.58 19.56 0.66
C HIS I 30 -10.70 18.05 0.47
N THR I 31 -10.29 17.53 -0.68
CA THR I 31 -10.30 16.10 -0.92
C THR I 31 -9.02 15.42 -0.47
N GLY I 32 -7.98 16.18 -0.17
CA GLY I 32 -6.70 15.58 0.14
C GLY I 32 -5.96 14.97 -1.03
N GLU I 33 -6.37 15.30 -2.25
CA GLU I 33 -5.73 14.78 -3.45
C GLU I 33 -4.34 15.38 -3.62
N ARG I 34 -3.32 14.73 -3.07
CA ARG I 34 -1.95 15.18 -3.20
C ARG I 34 -1.21 14.23 -4.13
N PRO I 35 -1.16 14.51 -5.44
CA PRO I 35 -0.70 13.50 -6.41
C PRO I 35 0.81 13.32 -6.45
N PHE I 36 1.56 14.38 -6.20
CA PHE I 36 3.01 14.39 -6.40
C PHE I 36 3.71 13.92 -5.13
N VAL I 37 4.52 12.87 -5.25
CA VAL I 37 5.15 12.20 -4.12
C VAL I 37 6.67 12.27 -4.29
N CYS I 38 7.36 12.72 -3.24
CA CYS I 38 8.82 12.81 -3.27
C CYS I 38 9.42 11.42 -3.25
N SER I 39 10.38 11.19 -4.16
CA SER I 39 10.90 9.84 -4.38
C SER I 39 11.75 9.33 -3.22
N VAL I 40 12.20 10.19 -2.32
CA VAL I 40 13.05 9.77 -1.23
C VAL I 40 12.37 9.84 0.13
N CYS I 41 11.41 10.76 0.33
CA CYS I 41 10.71 10.87 1.60
C CYS I 41 9.31 10.27 1.60
N GLY I 42 8.73 10.07 0.41
CA GLY I 42 7.45 9.40 0.30
C GLY I 42 6.25 10.25 0.61
N HIS I 43 6.47 11.39 1.28
CA HIS I 43 5.36 12.27 1.63
C HIS I 43 4.73 12.85 0.38
N ARG I 44 3.39 12.92 0.40
CA ARG I 44 2.66 13.49 -0.72
C ARG I 44 2.87 15.01 -0.78
N PHE I 45 2.48 15.60 -1.91
CA PHE I 45 2.44 17.05 -2.06
C PHE I 45 1.32 17.38 -3.03
N THR I 46 0.65 18.51 -2.79
CA THR I 46 -0.57 18.80 -3.53
C THR I 46 -0.29 19.31 -4.95
N THR I 47 0.80 20.05 -5.15
CA THR I 47 1.20 20.52 -6.47
C THR I 47 2.71 20.35 -6.64
N LYS I 48 3.13 20.12 -7.89
CA LYS I 48 4.54 19.86 -8.16
C LYS I 48 5.45 21.00 -7.70
N GLY I 49 4.93 22.22 -7.65
CA GLY I 49 5.71 23.32 -7.10
C GLY I 49 6.02 23.12 -5.62
N ASN I 50 5.06 22.61 -4.86
CA ASN I 50 5.28 22.35 -3.45
C ASN I 50 6.27 21.21 -3.21
N LEU I 51 6.42 20.29 -4.18
CA LEU I 51 7.46 19.27 -4.08
C LEU I 51 8.77 19.77 -4.68
N LYS I 52 8.71 20.58 -5.74
CA LYS I 52 9.91 21.13 -6.34
C LYS I 52 10.75 21.90 -5.33
N VAL I 53 10.10 22.52 -4.34
CA VAL I 53 10.84 23.15 -3.24
C VAL I 53 11.26 22.10 -2.22
N HIS I 54 10.48 21.03 -2.04
CA HIS I 54 10.82 20.03 -1.05
C HIS I 54 11.99 19.16 -1.51
N PHE I 55 12.15 18.96 -2.82
CA PHE I 55 13.30 18.20 -3.29
C PHE I 55 14.62 18.92 -3.09
N HIS I 56 14.59 20.21 -2.74
CA HIS I 56 15.80 20.97 -2.45
C HIS I 56 16.09 21.06 -0.95
N ARG I 57 15.73 20.02 -0.20
CA ARG I 57 16.09 19.90 1.21
C ARG I 57 16.91 18.67 1.52
N HIS I 58 16.97 17.69 0.60
CA HIS I 58 17.91 16.58 0.72
C HIS I 58 19.17 16.98 0.01
N PRO I 59 20.28 17.23 0.72
CA PRO I 59 21.44 17.87 0.09
C PRO I 59 22.07 17.01 -0.99
N GLN I 60 22.59 17.69 -2.02
CA GLN I 60 23.28 17.03 -3.12
C GLN I 60 24.49 17.86 -3.54
N LYS L 7 -4.27 36.78 26.21
CA LYS L 7 -5.23 35.83 25.67
C LYS L 7 -4.87 35.41 24.24
N HIS L 8 -4.07 36.25 23.58
CA HIS L 8 -3.55 35.98 22.23
C HIS L 8 -4.68 35.89 21.20
N LYS L 9 -5.58 36.87 21.23
CA LYS L 9 -6.67 36.96 20.28
C LYS L 9 -6.42 38.11 19.32
N CYS L 10 -6.49 37.82 18.03
CA CYS L 10 -6.36 38.86 17.02
C CYS L 10 -7.56 39.79 17.08
N LYS L 11 -7.31 41.09 16.92
CA LYS L 11 -8.41 42.05 16.90
C LYS L 11 -9.06 42.18 15.53
N TYR L 12 -8.37 41.76 14.46
CA TYR L 12 -8.96 41.75 13.13
C TYR L 12 -9.62 40.40 12.83
N CYS L 13 -8.86 39.31 12.99
CA CYS L 13 -9.35 37.99 12.58
C CYS L 13 -10.37 37.42 13.55
N SER L 14 -10.33 37.82 14.81
CA SER L 14 -11.08 37.17 15.88
C SER L 14 -10.74 35.68 15.93
N LYS L 15 -9.46 35.35 15.77
CA LYS L 15 -8.98 33.99 15.80
C LYS L 15 -8.08 33.78 17.01
N VAL L 16 -8.23 32.63 17.66
CA VAL L 16 -7.43 32.30 18.84
C VAL L 16 -6.09 31.76 18.38
N PHE L 17 -5.01 32.30 18.95
CA PHE L 17 -3.65 31.92 18.58
C PHE L 17 -2.88 31.42 19.80
N GLY L 18 -1.84 30.63 19.52
CA GLY L 18 -1.09 29.94 20.55
C GLY L 18 -0.42 30.83 21.59
N THR L 19 0.64 31.52 21.19
CA THR L 19 1.45 32.27 22.14
C THR L 19 1.45 33.76 21.80
N ASP L 20 1.99 34.54 22.74
CA ASP L 20 2.04 35.99 22.57
C ASP L 20 2.83 36.40 21.33
N SER L 21 3.83 35.61 20.93
CA SER L 21 4.60 35.91 19.73
C SER L 21 4.14 35.10 18.53
N SER L 22 3.00 34.42 18.63
CA SER L 22 2.48 33.67 17.49
C SER L 22 1.60 34.51 16.58
N LEU L 23 1.29 35.75 16.96
CA LEU L 23 0.35 36.54 16.18
C LEU L 23 0.89 37.87 15.64
N GLN L 24 1.96 38.44 16.19
CA GLN L 24 2.42 39.68 15.56
C GLN L 24 2.78 39.43 14.10
N ILE L 25 3.24 38.22 13.79
CA ILE L 25 3.41 37.82 12.39
C ILE L 25 2.08 37.94 11.64
N HIS L 26 0.96 37.72 12.35
CA HIS L 26 -0.35 37.69 11.71
C HIS L 26 -1.06 39.03 11.76
N LEU L 27 -0.75 39.91 12.72
CA LEU L 27 -1.35 41.23 12.66
C LEU L 27 -0.79 42.06 11.52
N ARG L 28 0.50 41.91 11.21
CA ARG L 28 1.01 42.63 10.04
C ARG L 28 0.57 42.01 8.73
N SER L 29 -0.10 40.85 8.76
CA SER L 29 -0.85 40.44 7.58
C SER L 29 -2.15 41.23 7.46
N HIS L 30 -2.47 42.07 8.43
CA HIS L 30 -3.55 43.05 8.35
C HIS L 30 -3.04 44.48 8.31
N THR L 31 -2.03 44.81 9.12
CA THR L 31 -1.50 46.17 9.16
C THR L 31 -0.61 46.51 7.99
N GLY L 32 -0.31 45.54 7.12
CA GLY L 32 0.57 45.77 5.99
C GLY L 32 2.00 46.07 6.33
N GLU L 33 2.38 46.03 7.60
CA GLU L 33 3.76 46.28 7.99
C GLU L 33 4.66 45.14 7.54
N ARG L 34 5.84 45.49 7.05
CA ARG L 34 6.83 44.50 6.60
C ARG L 34 8.21 44.97 7.04
N PRO L 35 8.69 44.49 8.19
CA PRO L 35 9.97 44.96 8.71
C PRO L 35 11.20 44.28 8.14
N PHE L 36 11.06 43.22 7.34
CA PHE L 36 12.20 42.49 6.80
C PHE L 36 12.38 42.85 5.32
N VAL L 37 13.51 43.48 4.98
CA VAL L 37 13.78 43.99 3.63
C VAL L 37 14.90 43.19 3.01
N CYS L 38 14.81 42.94 1.70
CA CYS L 38 15.90 42.28 1.00
C CYS L 38 17.03 43.28 0.72
N SER L 39 18.27 42.78 0.73
CA SER L 39 19.45 43.58 0.45
C SER L 39 19.75 43.70 -1.04
N VAL L 40 19.13 42.89 -1.87
CA VAL L 40 19.44 42.83 -3.30
C VAL L 40 18.34 43.47 -4.13
N CYS L 41 17.07 43.30 -3.75
CA CYS L 41 15.96 43.79 -4.57
C CYS L 41 15.31 45.03 -4.00
N GLY L 42 14.99 45.05 -2.71
CA GLY L 42 14.38 46.19 -2.06
C GLY L 42 12.99 45.95 -1.48
N HIS L 43 12.29 44.89 -1.93
CA HIS L 43 10.96 44.58 -1.41
C HIS L 43 11.03 44.19 0.07
N ARG L 44 9.89 44.28 0.76
CA ARG L 44 9.87 43.86 2.15
C ARG L 44 8.70 42.93 2.40
N PHE L 45 8.96 41.88 3.17
CA PHE L 45 8.03 40.82 3.52
C PHE L 45 7.82 40.84 5.04
N THR L 46 6.93 39.97 5.53
CA THR L 46 6.46 40.08 6.91
C THR L 46 7.25 39.22 7.89
N THR L 47 8.06 38.28 7.42
CA THR L 47 8.85 37.38 8.26
C THR L 47 10.27 37.28 7.73
N LYS L 48 11.12 36.63 8.52
CA LYS L 48 12.51 36.41 8.15
C LYS L 48 12.67 35.17 7.27
N GLY L 49 11.98 34.09 7.60
CA GLY L 49 12.09 32.88 6.79
C GLY L 49 11.59 33.08 5.38
N ASN L 50 10.59 33.93 5.20
CA ASN L 50 10.09 34.27 3.88
C ASN L 50 10.89 35.38 3.22
N LEU L 51 11.85 35.97 3.94
CA LEU L 51 12.89 36.76 3.29
C LEU L 51 14.01 35.87 2.78
N LYS L 52 14.40 34.87 3.59
CA LYS L 52 15.41 33.91 3.15
C LYS L 52 14.95 33.11 1.94
N VAL L 53 13.66 32.81 1.86
CA VAL L 53 13.14 32.05 0.72
C VAL L 53 13.30 32.85 -0.56
N HIS L 54 13.28 34.18 -0.46
CA HIS L 54 13.37 35.06 -1.62
C HIS L 54 14.76 35.59 -1.85
N PHE L 55 15.56 35.75 -0.80
CA PHE L 55 16.88 36.34 -0.95
C PHE L 55 17.82 35.43 -1.73
N HIS L 56 17.93 34.17 -1.31
CA HIS L 56 18.89 33.27 -1.95
C HIS L 56 18.35 32.67 -3.25
N ARG L 57 17.16 33.06 -3.69
CA ARG L 57 16.76 32.81 -5.08
C ARG L 57 17.48 33.76 -6.02
N HIS L 58 17.88 34.93 -5.54
CA HIS L 58 18.70 35.83 -6.32
C HIS L 58 20.02 35.15 -6.66
N PRO L 59 20.59 35.43 -7.84
CA PRO L 59 21.87 34.80 -8.21
C PRO L 59 22.98 35.16 -7.24
N GLN L 60 23.51 34.15 -6.55
CA GLN L 60 24.56 34.33 -5.57
C GLN L 60 25.34 33.04 -5.35
#